data_7ZWP
#
_entry.id   7ZWP
#
_cell.length_a   67.270
_cell.length_b   67.270
_cell.length_c   164.400
_cell.angle_alpha   90.000
_cell.angle_beta   90.000
_cell.angle_gamma   120.000
#
_symmetry.space_group_name_H-M   'P 61 2 2'
#
loop_
_entity.id
_entity.type
_entity.pdbx_description
1 polymer 'B-cell lymphoma 6 protein'
2 polymer ALA-TRP-VAL-ILE-PRO-ALA
3 non-polymer 'ethyl 5-propyl-7-pyridin-4-yl-[1,2,4]triazolo[1,5-a]pyrimidine-6-carboxylate'
4 non-polymer 1,2-ETHANEDIOL
5 water water
#
loop_
_entity_poly.entity_id
_entity_poly.type
_entity_poly.pdbx_seq_one_letter_code
_entity_poly.pdbx_strand_id
1 'polypeptide(L)'
;GPGADSCIQFTRHASDVLLNLNRLRSRDILTDVVIVVSREQFRAHKTVLMACSGLFYSIFTDQLKCNLSVINLDPEINPE
GFCILLDFMYTSRLNLREGNIMAVMATAMYLQMEHVVDTCRKFIKASE
;
A
2 'polypeptide(L)' AWVIPA B
#
# COMPACT_ATOMS: atom_id res chain seq x y z
N ALA A 4 20.53 -15.77 -12.51
CA ALA A 4 21.06 -17.01 -13.05
C ALA A 4 20.01 -18.13 -13.04
N ASP A 5 20.22 -19.16 -13.86
CA ASP A 5 19.32 -20.32 -14.00
C ASP A 5 19.56 -21.37 -12.91
N SER A 6 20.72 -21.31 -12.22
CA SER A 6 21.09 -22.23 -11.15
C SER A 6 20.54 -21.80 -9.77
N CYS A 7 19.73 -20.74 -9.70
CA CYS A 7 19.20 -20.23 -8.44
C CYS A 7 18.22 -21.17 -7.72
N ILE A 8 18.24 -21.15 -6.36
CA ILE A 8 17.22 -21.81 -5.52
C ILE A 8 16.39 -20.66 -5.02
N GLN A 9 15.19 -20.90 -4.56
CA GLN A 9 14.33 -19.81 -4.10
C GLN A 9 13.67 -20.16 -2.76
N PHE A 10 13.62 -19.18 -1.85
CA PHE A 10 13.00 -19.37 -0.55
C PHE A 10 11.58 -18.82 -0.69
N THR A 11 10.62 -19.71 -0.84
N THR A 11 10.59 -19.72 -0.80
CA THR A 11 9.20 -19.43 -1.04
CA THR A 11 9.17 -19.41 -1.03
C THR A 11 8.65 -18.34 -0.09
C THR A 11 8.53 -18.42 -0.05
N ARG A 12 8.98 -18.44 1.20
CA ARG A 12 8.48 -17.50 2.22
C ARG A 12 9.19 -16.15 2.30
N HIS A 13 10.31 -15.99 1.61
CA HIS A 13 11.11 -14.75 1.70
C HIS A 13 10.32 -13.45 1.46
N ALA A 14 9.58 -13.35 0.34
CA ALA A 14 8.85 -12.12 0.01
C ALA A 14 7.83 -11.76 1.08
N SER A 15 7.08 -12.77 1.59
N SER A 15 7.09 -12.77 1.60
N SER A 15 7.09 -12.77 1.60
CA SER A 15 6.07 -12.56 2.63
CA SER A 15 6.08 -12.52 2.64
CA SER A 15 6.09 -12.58 2.64
C SER A 15 6.72 -12.15 3.96
C SER A 15 6.74 -12.10 3.95
C SER A 15 6.73 -12.13 3.95
N ASP A 16 7.90 -12.70 4.28
CA ASP A 16 8.68 -12.39 5.51
C ASP A 16 9.18 -10.98 5.49
N VAL A 17 9.70 -10.54 4.33
CA VAL A 17 10.19 -9.18 4.08
C VAL A 17 9.05 -8.19 4.35
N LEU A 18 7.87 -8.47 3.78
CA LEU A 18 6.69 -7.63 3.94
C LEU A 18 6.24 -7.56 5.38
N LEU A 19 6.20 -8.71 6.09
CA LEU A 19 5.86 -8.76 7.53
C LEU A 19 6.83 -7.85 8.32
N ASN A 20 8.13 -7.94 8.00
CA ASN A 20 9.17 -7.17 8.66
C ASN A 20 9.09 -5.66 8.36
N LEU A 21 8.75 -5.28 7.10
CA LEU A 21 8.52 -3.87 6.75
C LEU A 21 7.31 -3.35 7.55
N ASN A 22 6.29 -4.19 7.75
CA ASN A 22 5.14 -3.73 8.55
C ASN A 22 5.51 -3.55 10.06
N ARG A 23 6.47 -4.37 10.57
CA ARG A 23 6.96 -4.24 11.95
C ARG A 23 7.70 -2.92 12.09
N LEU A 24 8.49 -2.52 11.06
CA LEU A 24 9.22 -1.25 11.01
C LEU A 24 8.20 -0.12 11.02
N ARG A 25 7.13 -0.26 10.24
CA ARG A 25 6.08 0.76 10.25
C ARG A 25 5.41 0.89 11.64
N SER A 26 5.01 -0.26 12.23
CA SER A 26 4.39 -0.32 13.56
CA SER A 26 4.37 -0.28 13.55
C SER A 26 5.24 0.37 14.62
N ARG A 27 6.58 0.14 14.57
CA ARG A 27 7.51 0.69 15.57
C ARG A 27 8.06 2.05 15.17
N ASP A 28 7.58 2.58 14.04
CA ASP A 28 7.98 3.87 13.49
C ASP A 28 9.50 3.90 13.21
N ILE A 29 10.03 2.80 12.66
CA ILE A 29 11.45 2.69 12.33
C ILE A 29 11.73 3.09 10.90
N LEU A 30 12.54 4.17 10.73
CA LEU A 30 13.00 4.71 9.45
C LEU A 30 11.88 5.11 8.48
N THR A 31 10.69 5.43 9.02
CA THR A 31 9.59 5.99 8.23
C THR A 31 10.10 7.36 7.81
N ASP A 32 9.84 7.72 6.56
CA ASP A 32 10.43 8.92 5.97
C ASP A 32 9.42 9.84 5.30
N VAL A 33 8.13 9.60 5.49
CA VAL A 33 7.12 10.49 4.94
C VAL A 33 5.88 10.39 5.81
N VAL A 34 5.12 11.46 5.86
CA VAL A 34 3.81 11.56 6.49
C VAL A 34 2.81 11.82 5.35
N ILE A 35 1.80 10.95 5.20
CA ILE A 35 0.71 11.13 4.24
C ILE A 35 -0.43 11.77 5.00
N VAL A 36 -0.90 12.94 4.54
CA VAL A 36 -1.97 13.67 5.22
C VAL A 36 -3.25 13.52 4.43
N VAL A 37 -4.31 13.04 5.12
CA VAL A 37 -5.59 12.79 4.48
C VAL A 37 -6.65 13.47 5.33
N SER A 38 -7.11 14.65 4.89
CA SER A 38 -8.06 15.48 5.60
C SER A 38 -7.67 15.55 7.10
N ARG A 39 -6.44 16.00 7.37
CA ARG A 39 -5.88 16.17 8.72
C ARG A 39 -5.58 14.85 9.49
N GLU A 40 -5.92 13.65 8.96
CA GLU A 40 -5.51 12.39 9.59
C GLU A 40 -4.10 12.17 9.03
N GLN A 41 -3.13 11.77 9.86
CA GLN A 41 -1.74 11.59 9.43
C GLN A 41 -1.30 10.14 9.42
N PHE A 42 -0.56 9.72 8.38
CA PHE A 42 -0.10 8.34 8.31
C PHE A 42 1.38 8.32 8.01
N ARG A 43 2.17 7.71 8.86
CA ARG A 43 3.61 7.62 8.67
C ARG A 43 3.90 6.39 7.83
N ALA A 44 4.79 6.47 6.86
CA ALA A 44 5.06 5.30 6.01
C ALA A 44 6.49 5.35 5.50
N HIS A 45 6.87 4.39 4.65
CA HIS A 45 8.15 4.35 3.97
C HIS A 45 7.85 4.64 2.50
N LYS A 46 8.49 5.68 1.95
CA LYS A 46 8.32 6.07 0.54
C LYS A 46 8.49 4.84 -0.38
N THR A 47 9.51 3.99 -0.14
CA THR A 47 9.75 2.85 -1.06
C THR A 47 8.61 1.85 -1.10
N VAL A 48 7.97 1.60 0.04
CA VAL A 48 6.82 0.69 0.10
C VAL A 48 5.64 1.32 -0.65
N LEU A 49 5.39 2.60 -0.42
CA LEU A 49 4.30 3.35 -1.08
C LEU A 49 4.48 3.30 -2.60
N MET A 50 5.71 3.50 -3.08
CA MET A 50 6.04 3.48 -4.51
C MET A 50 5.88 2.11 -5.10
N ALA A 51 6.27 1.06 -4.38
CA ALA A 51 6.23 -0.34 -4.84
C ALA A 51 4.78 -0.81 -5.00
N CYS A 52 3.83 -0.14 -4.32
CA CYS A 52 2.42 -0.51 -4.29
C CYS A 52 1.48 0.34 -5.12
N SER A 53 1.84 1.59 -5.35
CA SER A 53 0.91 2.55 -5.91
C SER A 53 1.51 3.35 -7.05
N GLY A 54 0.78 3.41 -8.18
CA GLY A 54 1.20 4.18 -9.36
C GLY A 54 1.30 5.66 -9.05
N LEU A 55 0.39 6.17 -8.20
CA LEU A 55 0.38 7.56 -7.74
C LEU A 55 1.65 7.86 -6.93
N PHE A 56 1.99 7.05 -5.88
CA PHE A 56 3.21 7.30 -5.10
C PHE A 56 4.47 7.08 -5.90
N TYR A 57 4.43 6.11 -6.85
CA TYR A 57 5.60 5.93 -7.71
C TYR A 57 5.86 7.24 -8.53
N SER A 58 4.79 7.85 -9.09
CA SER A 58 4.94 9.09 -9.85
C SER A 58 5.41 10.22 -8.95
N ILE A 59 4.86 10.31 -7.73
CA ILE A 59 5.23 11.33 -6.74
C ILE A 59 6.71 11.26 -6.35
N PHE A 60 7.16 10.12 -5.87
CA PHE A 60 8.50 10.01 -5.34
C PHE A 60 9.60 9.81 -6.41
N THR A 61 9.23 9.71 -7.70
CA THR A 61 10.26 9.71 -8.76
C THR A 61 10.33 11.15 -9.29
N ASP A 62 9.43 12.04 -8.84
CA ASP A 62 9.52 13.45 -9.28
C ASP A 62 10.76 14.06 -8.60
N GLN A 63 11.57 14.86 -9.36
CA GLN A 63 12.82 15.41 -8.82
C GLN A 63 12.64 16.40 -7.66
N LEU A 64 11.44 17.01 -7.52
CA LEU A 64 11.16 17.94 -6.43
C LEU A 64 10.40 17.25 -5.31
N LYS A 65 9.32 16.53 -5.66
CA LYS A 65 8.47 15.86 -4.66
C LYS A 65 9.18 14.78 -3.88
N CYS A 66 10.24 14.15 -4.47
CA CYS A 66 11.00 13.07 -3.80
C CYS A 66 11.61 13.51 -2.47
N ASN A 67 11.82 14.83 -2.31
CA ASN A 67 12.43 15.44 -1.13
C ASN A 67 11.44 15.86 -0.06
N LEU A 68 10.14 15.78 -0.37
CA LEU A 68 9.13 16.19 0.60
C LEU A 68 8.94 15.11 1.68
N SER A 69 8.77 15.56 2.94
CA SER A 69 8.54 14.66 4.07
CA SER A 69 8.55 14.70 4.10
C SER A 69 7.05 14.62 4.40
N VAL A 70 6.25 15.43 3.73
CA VAL A 70 4.78 15.44 3.92
C VAL A 70 4.08 15.50 2.56
N ILE A 71 3.09 14.63 2.32
CA ILE A 71 2.32 14.66 1.06
C ILE A 71 0.87 14.77 1.43
N ASN A 72 0.18 15.79 0.90
CA ASN A 72 -1.24 15.99 1.20
C ASN A 72 -2.06 15.43 0.05
N LEU A 73 -2.95 14.51 0.38
CA LEU A 73 -3.83 13.91 -0.61
C LEU A 73 -5.06 14.76 -0.84
N ASP A 74 -5.74 14.54 -1.97
CA ASP A 74 -6.93 15.29 -2.33
C ASP A 74 -7.97 15.24 -1.17
N PRO A 75 -8.62 16.37 -0.79
CA PRO A 75 -9.61 16.33 0.32
C PRO A 75 -10.80 15.39 0.11
N GLU A 76 -11.05 14.94 -1.12
CA GLU A 76 -12.15 14.02 -1.40
C GLU A 76 -11.79 12.62 -0.94
N ILE A 77 -10.49 12.34 -0.69
CA ILE A 77 -10.03 11.03 -0.23
C ILE A 77 -10.45 10.81 1.21
N ASN A 78 -11.06 9.65 1.46
CA ASN A 78 -11.53 9.18 2.76
C ASN A 78 -10.37 8.59 3.61
N PRO A 79 -10.11 9.09 4.85
CA PRO A 79 -9.00 8.56 5.65
C PRO A 79 -9.11 7.09 6.04
N GLU A 80 -10.33 6.61 6.30
CA GLU A 80 -10.47 5.18 6.60
C GLU A 80 -10.11 4.37 5.34
N GLY A 81 -10.57 4.83 4.16
CA GLY A 81 -10.28 4.19 2.88
C GLY A 81 -8.78 4.12 2.64
N PHE A 82 -8.07 5.25 2.94
CA PHE A 82 -6.61 5.31 2.82
C PHE A 82 -5.95 4.34 3.80
N CYS A 83 -6.43 4.31 5.05
CA CYS A 83 -5.86 3.45 6.10
C CYS A 83 -5.93 1.96 5.72
N ILE A 84 -7.09 1.56 5.18
CA ILE A 84 -7.34 0.18 4.74
C ILE A 84 -6.33 -0.14 3.62
N LEU A 85 -6.13 0.81 2.68
CA LEU A 85 -5.18 0.57 1.58
C LEU A 85 -3.75 0.55 2.01
N LEU A 86 -3.38 1.39 3.01
CA LEU A 86 -2.02 1.43 3.55
C LEU A 86 -1.72 0.10 4.27
N ASP A 87 -2.70 -0.45 4.99
CA ASP A 87 -2.55 -1.76 5.65
C ASP A 87 -2.39 -2.87 4.62
N PHE A 88 -3.17 -2.80 3.53
CA PHE A 88 -3.05 -3.77 2.42
C PHE A 88 -1.62 -3.70 1.84
N MET A 89 -1.10 -2.49 1.62
CA MET A 89 0.25 -2.33 1.04
C MET A 89 1.29 -3.11 1.85
N TYR A 90 1.21 -2.99 3.19
CA TYR A 90 2.15 -3.59 4.13
C TYR A 90 1.85 -4.99 4.54
N THR A 91 0.68 -5.54 4.16
CA THR A 91 0.34 -6.90 4.65
C THR A 91 -0.22 -7.87 3.63
N SER A 92 -0.68 -7.37 2.45
N SER A 92 -0.67 -7.35 2.47
CA SER A 92 -1.36 -8.16 1.40
CA SER A 92 -1.32 -8.12 1.39
C SER A 92 -2.82 -8.39 1.74
C SER A 92 -2.79 -8.42 1.74
N ARG A 93 -3.26 -7.92 2.90
CA ARG A 93 -4.64 -8.14 3.38
C ARG A 93 -5.47 -6.93 3.26
N LEU A 94 -6.66 -7.08 2.65
CA LEU A 94 -7.59 -5.99 2.41
C LEU A 94 -8.88 -6.19 3.20
N ASN A 95 -9.13 -5.29 4.13
CA ASN A 95 -10.32 -5.36 4.97
C ASN A 95 -11.49 -4.75 4.22
N LEU A 96 -12.00 -5.49 3.22
CA LEU A 96 -13.10 -5.03 2.38
C LEU A 96 -14.42 -5.35 3.01
N ARG A 97 -15.22 -4.31 3.30
CA ARG A 97 -16.54 -4.45 3.94
C ARG A 97 -17.60 -3.66 3.18
N GLU A 98 -18.87 -4.06 3.36
CA GLU A 98 -20.01 -3.40 2.72
C GLU A 98 -19.99 -1.90 2.98
N GLY A 99 -19.72 -1.52 4.22
CA GLY A 99 -19.69 -0.12 4.66
C GLY A 99 -18.46 0.66 4.23
N ASN A 100 -17.42 0.01 3.69
CA ASN A 100 -16.23 0.74 3.28
C ASN A 100 -15.85 0.56 1.80
N ILE A 101 -16.54 -0.34 1.06
CA ILE A 101 -16.14 -0.72 -0.31
C ILE A 101 -16.09 0.47 -1.28
N MET A 102 -17.08 1.36 -1.26
CA MET A 102 -17.06 2.53 -2.16
C MET A 102 -15.85 3.41 -1.91
N ALA A 103 -15.53 3.71 -0.63
CA ALA A 103 -14.37 4.55 -0.28
C ALA A 103 -13.08 3.82 -0.61
N VAL A 104 -13.03 2.49 -0.43
CA VAL A 104 -11.80 1.72 -0.75
C VAL A 104 -11.57 1.75 -2.24
N MET A 105 -12.63 1.54 -3.05
CA MET A 105 -12.50 1.54 -4.51
C MET A 105 -12.08 2.91 -5.01
N ALA A 106 -12.74 3.98 -4.54
CA ALA A 106 -12.41 5.36 -4.93
C ALA A 106 -10.94 5.67 -4.60
N THR A 107 -10.48 5.29 -3.39
CA THR A 107 -9.09 5.54 -2.97
C THR A 107 -8.10 4.72 -3.80
N ALA A 108 -8.44 3.44 -4.12
CA ALA A 108 -7.54 2.59 -4.93
C ALA A 108 -7.42 3.14 -6.38
N MET A 109 -8.50 3.74 -6.90
CA MET A 109 -8.47 4.34 -8.26
C MET A 109 -7.53 5.56 -8.27
N TYR A 110 -7.62 6.37 -7.23
CA TYR A 110 -6.79 7.56 -7.04
C TYR A 110 -5.32 7.14 -6.84
N LEU A 111 -5.08 6.12 -6.01
CA LEU A 111 -3.73 5.66 -5.73
C LEU A 111 -3.13 4.84 -6.85
N GLN A 112 -3.96 4.47 -7.84
CA GLN A 112 -3.62 3.63 -8.98
C GLN A 112 -3.17 2.22 -8.49
N MET A 113 -4.07 1.56 -7.79
CA MET A 113 -3.82 0.18 -7.29
C MET A 113 -4.83 -0.72 -7.95
N GLU A 114 -4.51 -1.15 -9.18
CA GLU A 114 -5.40 -1.86 -10.10
C GLU A 114 -5.97 -3.16 -9.58
N HIS A 115 -5.18 -3.95 -8.82
CA HIS A 115 -5.68 -5.21 -8.29
C HIS A 115 -6.81 -5.03 -7.29
N VAL A 116 -6.70 -4.02 -6.44
CA VAL A 116 -7.70 -3.66 -5.44
C VAL A 116 -8.94 -3.15 -6.16
N VAL A 117 -8.76 -2.32 -7.23
CA VAL A 117 -9.87 -1.78 -8.00
C VAL A 117 -10.67 -2.94 -8.58
N ASP A 118 -9.94 -3.92 -9.16
CA ASP A 118 -10.53 -5.12 -9.77
C ASP A 118 -11.37 -5.91 -8.79
N THR A 119 -10.85 -6.21 -7.56
CA THR A 119 -11.63 -6.96 -6.57
C THR A 119 -12.84 -6.18 -6.07
N CYS A 120 -12.74 -4.83 -5.99
CA CYS A 120 -13.88 -3.99 -5.56
C CYS A 120 -14.98 -4.06 -6.59
N ARG A 121 -14.62 -3.95 -7.88
CA ARG A 121 -15.58 -4.01 -8.99
C ARG A 121 -16.31 -5.37 -9.00
N LYS A 122 -15.58 -6.46 -8.69
CA LYS A 122 -16.16 -7.83 -8.59
C LYS A 122 -17.13 -7.93 -7.42
N PHE A 123 -16.73 -7.45 -6.22
CA PHE A 123 -17.63 -7.48 -5.06
C PHE A 123 -18.85 -6.63 -5.25
N ILE A 124 -18.72 -5.45 -5.90
CA ILE A 124 -19.87 -4.57 -6.19
C ILE A 124 -20.82 -5.20 -7.22
N LYS A 125 -20.28 -5.72 -8.34
CA LYS A 125 -21.11 -6.37 -9.38
C LYS A 125 -21.89 -7.56 -8.84
N ALA A 126 -21.30 -8.32 -7.88
CA ALA A 126 -21.97 -9.47 -7.25
C ALA A 126 -23.16 -9.04 -6.38
N SER A 127 -23.13 -7.81 -5.82
CA SER A 127 -24.17 -7.24 -4.94
C SER A 127 -25.40 -6.73 -5.67
N GLU A 128 -25.29 -6.59 -7.01
CA GLU A 128 -26.38 -6.10 -7.85
C GLU A 128 -26.79 -7.12 -8.91
CA ALA B 1 11.10 -23.97 2.39
C ALA B 1 11.83 -23.44 1.16
N TRP B 2 12.85 -24.17 0.67
CA TRP B 2 13.62 -23.81 -0.52
C TRP B 2 13.11 -24.68 -1.68
N VAL B 3 13.05 -24.09 -2.89
CA VAL B 3 12.53 -24.78 -4.09
C VAL B 3 13.35 -24.44 -5.33
N ILE B 4 13.12 -25.20 -6.41
CA ILE B 4 13.67 -24.89 -7.74
C ILE B 4 12.59 -23.95 -8.32
N PRO B 5 12.88 -22.65 -8.52
CA PRO B 5 11.82 -21.72 -9.01
C PRO B 5 11.41 -22.00 -10.44
N ALA B 6 10.16 -21.63 -10.79
#